data_8P92
#
_entry.id   8P92
#
_cell.length_a   39.450
_cell.length_b   67.820
_cell.length_c   40.110
_cell.angle_alpha   90.000
_cell.angle_beta   93.200
_cell.angle_gamma   90.000
#
_symmetry.space_group_name_H-M   'P 1 21 1'
#
loop_
_entity.id
_entity.type
_entity.pdbx_description
1 polymer 'Beta-lactamase VIM-1'
2 non-polymer 'ZINC ION'
3 non-polymer '3-[(1~{S})-1-phenylethoxy]-7-propan-2-yl-1~{H}-indole-2-carboxylic acid'
4 water water
#
_entity_poly.entity_id   1
_entity_poly.type   'polypeptide(L)'
_entity_poly.pdbx_seq_one_letter_code
;MLKVISSLLVYMTASVMAVASPLAHSGEPSGEYPTVNEIPVGEVRLYQIADGVWSHIATQSFDGAVYPSNGLIVRDGDEL
LLIDTAWGAKNTAALLAEIEKQIGLPVTRAVSTHFHDDRVGGVDVLRAAGVATYASPSTRRLAEAEGNEIPTHSLEGLSS
SGDAVRFGPVELFYPGAAHSTDNLVVYVPSANVLYGGCAVHELSSTSAGNVADADLAEWPTSVERIQKHYPEAEVVIPGH
GLPGGLDLLQHTANVVKAHKNRSVAE
;
_entity_poly.pdbx_strand_id   A
#
loop_
_chem_comp.id
_chem_comp.type
_chem_comp.name
_chem_comp.formula
XB0 non-polymer '3-[(1~{S})-1-phenylethoxy]-7-propan-2-yl-1~{H}-indole-2-carboxylic acid' 'C20 H21 N O3'
ZN non-polymer 'ZINC ION' 'Zn 2'
#
# COMPACT_ATOMS: atom_id res chain seq x y z
N SER A 30 19.57 -12.99 -2.33
N SER A 30 19.35 -10.57 -1.12
CA SER A 30 18.83 -13.72 -3.35
CA SER A 30 20.14 -10.75 -2.33
C SER A 30 18.23 -12.80 -4.42
C SER A 30 19.28 -10.94 -3.60
N GLY A 31 18.05 -11.53 -4.04
N GLY A 31 18.13 -10.27 -3.69
CA GLY A 31 17.31 -10.59 -4.84
CA GLY A 31 17.32 -10.43 -4.89
C GLY A 31 15.87 -10.96 -4.91
C GLY A 31 15.86 -10.87 -4.83
N GLU A 32 15.47 -11.95 -4.12
CA GLU A 32 14.05 -12.28 -4.05
C GLU A 32 13.33 -11.26 -3.17
N TYR A 33 12.04 -11.31 -3.21
CA TYR A 33 11.27 -10.31 -2.49
C TYR A 33 11.42 -10.59 -0.99
N PRO A 34 11.65 -9.60 -0.18
CA PRO A 34 11.95 -9.90 1.21
C PRO A 34 10.74 -10.16 2.06
N THR A 35 10.82 -11.24 2.90
N THR A 35 11.14 -10.42 3.28
CA THR A 35 9.71 -11.72 3.72
CA THR A 35 10.24 -10.88 4.30
C THR A 35 9.84 -11.33 5.20
C THR A 35 10.76 -10.44 5.64
N VAL A 36 8.80 -11.65 5.98
N VAL A 36 9.93 -10.73 6.64
CA VAL A 36 8.67 -11.11 7.34
CA VAL A 36 10.30 -10.47 8.02
C VAL A 36 9.88 -11.47 8.20
C VAL A 36 11.65 -11.06 8.37
N ASN A 37 10.35 -12.72 8.12
N ASN A 37 12.04 -12.16 7.73
CA ASN A 37 11.43 -13.11 9.01
CA ASN A 37 13.30 -12.79 8.09
C ASN A 37 12.79 -12.59 8.58
C ASN A 37 14.51 -12.09 7.50
N GLU A 38 12.87 -11.90 7.44
N GLU A 38 14.34 -11.14 6.59
CA GLU A 38 14.12 -11.38 6.89
CA GLU A 38 15.45 -10.48 5.94
C GLU A 38 14.33 -9.91 7.20
C GLU A 38 15.49 -8.98 6.19
N ILE A 39 13.33 -9.23 7.77
N ILE A 39 14.64 -8.50 7.09
CA ILE A 39 13.39 -7.77 8.01
CA ILE A 39 14.55 -7.07 7.36
C ILE A 39 13.19 -7.47 9.49
C ILE A 39 15.08 -6.90 8.78
N PRO A 40 14.19 -7.12 10.28
N PRO A 40 16.31 -6.38 8.95
CA PRO A 40 13.94 -6.72 11.69
CA PRO A 40 16.80 -6.05 10.29
C PRO A 40 13.00 -5.52 11.72
C PRO A 40 15.79 -5.26 11.12
N VAL A 41 12.19 -5.48 12.78
N VAL A 41 15.94 -5.24 12.45
CA VAL A 41 11.33 -4.33 12.98
CA VAL A 41 14.93 -4.59 13.29
C VAL A 41 12.21 -3.11 13.13
C VAL A 41 14.86 -3.11 12.97
N GLY A 42 11.92 -2.08 12.33
N GLY A 42 13.64 -2.60 12.83
CA GLY A 42 12.69 -0.85 12.30
CA GLY A 42 13.42 -1.20 12.54
C GLY A 42 13.56 -0.68 11.07
C GLY A 42 13.99 -0.78 11.20
N GLU A 43 13.77 -1.74 10.30
N GLU A 43 14.08 -1.72 10.27
CA GLU A 43 14.53 -1.66 9.05
CA GLU A 43 14.73 -1.58 8.99
C GLU A 43 13.57 -1.60 7.88
C GLU A 43 13.68 -1.60 7.90
N VAL A 44 14.05 -1.02 6.76
CA VAL A 44 13.22 -0.95 5.58
C VAL A 44 14.02 -1.43 4.38
N ARG A 45 13.40 -2.24 3.53
N ARG A 45 13.36 -2.21 3.51
CA ARG A 45 13.98 -2.68 2.26
CA ARG A 45 13.88 -2.72 2.25
C ARG A 45 13.21 -2.07 1.10
C ARG A 45 13.17 -2.08 1.08
N LEU A 46 13.91 -1.77 0.01
CA LEU A 46 13.28 -1.39 -1.25
C LEU A 46 13.44 -2.53 -2.24
N TYR A 47 12.48 -2.68 -3.14
CA TYR A 47 12.51 -3.71 -4.17
C TYR A 47 12.11 -3.09 -5.49
N GLN A 48 13.00 -3.14 -6.48
CA GLN A 48 12.67 -2.57 -7.77
C GLN A 48 11.64 -3.43 -8.49
N ILE A 49 10.52 -2.80 -8.86
CA ILE A 49 9.42 -3.43 -9.54
C ILE A 49 9.52 -3.24 -11.05
N ALA A 50 9.84 -2.03 -11.48
CA ALA A 50 9.92 -1.62 -12.88
C ALA A 50 10.77 -0.37 -12.93
N ASP A 51 11.09 0.09 -14.13
CA ASP A 51 11.78 1.37 -14.26
CA ASP A 51 11.78 1.37 -14.27
C ASP A 51 11.01 2.47 -13.52
N GLY A 52 11.67 3.09 -12.54
CA GLY A 52 11.02 4.15 -11.79
C GLY A 52 9.93 3.73 -10.85
N VAL A 53 9.84 2.45 -10.50
CA VAL A 53 8.82 1.97 -9.57
C VAL A 53 9.50 1.01 -8.60
N TRP A 54 9.33 1.25 -7.31
CA TRP A 54 9.83 0.38 -6.25
C TRP A 54 8.68 0.07 -5.31
N SER A 55 8.73 -1.09 -4.66
CA SER A 55 7.99 -1.23 -3.40
C SER A 55 8.95 -0.99 -2.25
N HIS A 56 8.36 -0.62 -1.11
CA HIS A 56 9.05 -0.59 0.16
C HIS A 56 8.41 -1.61 1.09
N ILE A 57 9.25 -2.26 1.88
CA ILE A 57 8.85 -3.34 2.76
C ILE A 57 9.40 -3.08 4.14
N ALA A 58 8.53 -3.18 5.13
CA ALA A 58 8.93 -3.01 6.54
C ALA A 58 8.14 -4.00 7.37
N THR A 59 8.51 -4.16 8.63
CA THR A 59 7.81 -5.06 9.53
C THR A 59 7.44 -4.31 10.81
N GLN A 60 6.36 -4.74 11.42
CA GLN A 60 5.89 -4.10 12.62
C GLN A 60 5.21 -5.11 13.53
N SER A 61 5.27 -4.83 14.83
N SER A 61 5.25 -4.85 14.83
CA SER A 61 4.58 -5.60 15.84
CA SER A 61 4.53 -5.69 15.77
C SER A 61 3.19 -5.01 16.07
C SER A 61 3.21 -5.06 16.16
N PHE A 62 2.19 -5.88 16.16
CA PHE A 62 0.82 -5.47 16.37
C PHE A 62 0.15 -6.58 17.15
N ASP A 63 -0.36 -6.25 18.34
CA ASP A 63 -1.04 -7.24 19.18
C ASP A 63 -0.17 -8.47 19.40
N GLY A 64 1.13 -8.26 19.56
CA GLY A 64 1.99 -9.37 19.90
C GLY A 64 2.40 -10.30 18.78
N ALA A 65 2.22 -9.91 17.53
CA ALA A 65 2.76 -10.63 16.40
C ALA A 65 3.43 -9.65 15.44
N VAL A 66 4.32 -10.16 14.62
CA VAL A 66 5.07 -9.35 13.66
C VAL A 66 4.58 -9.63 12.25
N TYR A 67 4.31 -8.56 11.53
CA TYR A 67 3.79 -8.63 10.18
C TYR A 67 4.61 -7.78 9.24
N PRO A 68 4.75 -8.20 7.97
CA PRO A 68 5.32 -7.35 6.94
C PRO A 68 4.23 -6.47 6.34
N SER A 69 4.67 -5.52 5.51
N SER A 69 4.65 -5.36 5.70
CA SER A 69 3.75 -4.60 4.89
CA SER A 69 3.72 -4.59 4.88
C SER A 69 4.46 -3.78 3.82
C SER A 69 4.49 -3.89 3.77
N ASN A 70 3.78 -3.60 2.69
CA ASN A 70 4.31 -2.92 1.53
C ASN A 70 3.80 -1.50 1.37
N GLY A 71 4.59 -0.72 0.68
CA GLY A 71 4.17 0.53 0.04
C GLY A 71 4.81 0.67 -1.32
N LEU A 72 4.64 1.82 -1.94
CA LEU A 72 5.11 2.05 -3.29
C LEU A 72 5.92 3.34 -3.34
N ILE A 73 6.87 3.41 -4.28
CA ILE A 73 7.62 4.62 -4.59
C ILE A 73 7.61 4.74 -6.11
N VAL A 74 7.22 5.91 -6.62
CA VAL A 74 7.15 6.11 -8.06
C VAL A 74 7.95 7.36 -8.39
N ARG A 75 8.91 7.20 -9.33
N ARG A 75 8.91 7.21 -9.33
CA ARG A 75 9.65 8.35 -9.82
CA ARG A 75 9.68 8.36 -9.78
C ARG A 75 8.73 9.34 -10.54
C ARG A 75 8.81 9.32 -10.59
N ASP A 76 8.95 10.61 -10.25
CA ASP A 76 8.10 11.73 -10.67
C ASP A 76 9.12 12.78 -11.16
N GLY A 77 9.77 12.54 -12.32
CA GLY A 77 10.88 13.37 -12.77
C GLY A 77 12.11 13.28 -11.89
N ASP A 78 12.48 14.40 -11.28
CA ASP A 78 13.56 14.43 -10.30
C ASP A 78 13.02 14.46 -8.86
N GLU A 79 11.78 14.02 -8.68
CA GLU A 79 11.19 13.87 -7.36
C GLU A 79 10.56 12.50 -7.27
N LEU A 80 10.12 12.12 -6.06
CA LEU A 80 9.44 10.84 -5.83
C LEU A 80 8.07 11.07 -5.22
N LEU A 81 7.13 10.25 -5.65
CA LEU A 81 5.82 10.08 -5.03
C LEU A 81 5.84 8.85 -4.18
N LEU A 82 5.44 8.96 -2.93
CA LEU A 82 5.33 7.85 -2.00
C LEU A 82 3.89 7.42 -1.83
N ILE A 83 3.65 6.12 -1.87
CA ILE A 83 2.36 5.55 -1.55
C ILE A 83 2.52 4.74 -0.26
N ASP A 84 1.87 5.20 0.80
CA ASP A 84 1.77 4.58 2.12
C ASP A 84 3.06 4.73 2.92
N THR A 85 2.87 4.86 4.22
CA THR A 85 3.98 4.86 5.15
C THR A 85 4.51 3.43 5.33
N ALA A 86 5.57 3.31 6.14
CA ALA A 86 6.21 2.04 6.47
C ALA A 86 5.70 1.47 7.78
N TRP A 87 4.51 1.86 8.22
CA TRP A 87 3.87 1.31 9.42
C TRP A 87 4.61 1.69 10.69
N GLY A 88 4.59 2.96 10.99
CA GLY A 88 5.14 3.49 12.21
C GLY A 88 6.09 4.63 11.96
N ALA A 89 6.26 5.45 13.00
CA ALA A 89 7.13 6.62 12.89
C ALA A 89 8.59 6.25 12.63
N LYS A 90 9.15 5.39 13.50
N LYS A 90 9.14 5.37 13.47
CA LYS A 90 10.54 4.99 13.31
CA LYS A 90 10.55 5.03 13.28
C LYS A 90 10.73 4.29 11.96
C LYS A 90 10.76 4.26 11.99
N ASN A 91 9.82 3.39 11.61
CA ASN A 91 9.94 2.70 10.33
C ASN A 91 9.94 3.70 9.18
N THR A 92 9.08 4.73 9.28
CA THR A 92 8.97 5.72 8.20
C THR A 92 10.20 6.61 8.13
N ALA A 93 10.81 6.96 9.27
CA ALA A 93 12.09 7.63 9.23
C ALA A 93 13.13 6.75 8.55
N ALA A 94 13.12 5.44 8.85
CA ALA A 94 14.07 4.54 8.20
C ALA A 94 13.79 4.43 6.71
N LEU A 95 12.52 4.50 6.32
CA LEU A 95 12.16 4.51 4.91
C LEU A 95 12.78 5.71 4.19
N LEU A 96 12.63 6.91 4.76
CA LEU A 96 13.22 8.08 4.14
C LEU A 96 14.73 7.92 4.02
N ALA A 97 15.38 7.35 5.04
CA ALA A 97 16.82 7.16 4.95
C ALA A 97 17.19 6.15 3.87
N GLU A 98 16.44 5.09 3.76
CA GLU A 98 16.70 4.09 2.74
C GLU A 98 16.50 4.63 1.33
N ILE A 99 15.49 5.44 1.14
CA ILE A 99 15.27 6.12 -0.13
C ILE A 99 16.46 7.02 -0.48
N GLU A 100 16.95 7.78 0.50
CA GLU A 100 18.07 8.65 0.21
C GLU A 100 19.31 7.83 -0.17
N LYS A 101 19.52 6.71 0.51
CA LYS A 101 20.67 5.85 0.24
C LYS A 101 20.57 5.20 -1.13
N GLN A 102 19.41 4.68 -1.48
N GLN A 102 19.40 4.68 -1.49
CA GLN A 102 19.28 3.85 -2.67
CA GLN A 102 19.27 3.84 -2.68
C GLN A 102 18.86 4.58 -3.92
C GLN A 102 18.95 4.65 -3.92
N ILE A 103 18.13 5.68 -3.79
CA ILE A 103 17.57 6.41 -4.91
C ILE A 103 18.10 7.83 -5.00
N GLY A 104 18.16 8.54 -3.89
CA GLY A 104 18.79 9.84 -3.87
C GLY A 104 17.97 10.96 -4.47
N LEU A 105 16.67 10.81 -4.55
CA LEU A 105 15.75 11.84 -4.98
C LEU A 105 14.79 12.15 -3.85
N PRO A 106 14.29 13.37 -3.77
CA PRO A 106 13.45 13.74 -2.63
C PRO A 106 12.04 13.23 -2.80
N VAL A 107 11.47 12.73 -1.70
CA VAL A 107 10.04 12.46 -1.62
C VAL A 107 9.33 13.79 -1.40
N THR A 108 8.45 14.20 -2.34
CA THR A 108 7.78 15.46 -2.20
C THR A 108 6.30 15.34 -1.87
N ARG A 109 5.67 14.20 -2.18
CA ARG A 109 4.26 13.99 -1.91
C ARG A 109 4.09 12.54 -1.50
N ALA A 110 3.08 12.31 -0.65
CA ALA A 110 2.70 10.97 -0.26
C ALA A 110 1.19 10.86 -0.28
N VAL A 111 0.70 9.66 -0.66
CA VAL A 111 -0.71 9.31 -0.59
C VAL A 111 -0.84 8.11 0.33
N SER A 112 -1.78 8.16 1.26
CA SER A 112 -2.15 7.00 2.07
C SER A 112 -3.42 6.39 1.53
N THR A 113 -3.43 5.09 1.34
CA THR A 113 -4.52 4.40 0.65
C THR A 113 -5.63 3.90 1.53
N HIS A 114 -5.50 3.95 2.86
CA HIS A 114 -6.62 3.88 3.79
C HIS A 114 -6.12 4.31 5.15
N PHE A 115 -7.01 4.22 6.16
CA PHE A 115 -6.76 4.91 7.43
C PHE A 115 -5.97 4.12 8.45
N HIS A 116 -5.68 2.82 8.22
CA HIS A 116 -4.99 2.01 9.19
C HIS A 116 -3.54 2.45 9.35
N ASP A 117 -2.94 2.05 10.49
CA ASP A 117 -1.60 2.49 10.85
C ASP A 117 -0.53 2.01 9.91
N ASP A 118 -0.76 0.92 9.18
CA ASP A 118 0.21 0.47 8.18
C ASP A 118 0.21 1.36 6.94
N ARG A 119 -0.70 2.32 6.87
CA ARG A 119 -0.84 3.26 5.75
C ARG A 119 -0.54 4.68 6.14
N VAL A 120 -0.94 5.08 7.37
CA VAL A 120 -0.79 6.46 7.85
C VAL A 120 0.18 6.60 8.98
N GLY A 121 0.60 5.52 9.64
CA GLY A 121 1.51 5.65 10.77
C GLY A 121 2.87 6.04 10.27
N GLY A 122 3.35 7.24 10.58
CA GLY A 122 4.49 7.83 9.93
C GLY A 122 4.19 9.09 9.15
N VAL A 123 2.93 9.44 8.97
CA VAL A 123 2.58 10.70 8.31
C VAL A 123 3.15 11.89 9.03
N ASP A 124 3.16 11.88 10.37
CA ASP A 124 3.73 13.03 11.06
C ASP A 124 5.22 13.16 10.74
N VAL A 125 5.96 12.04 10.70
CA VAL A 125 7.37 12.06 10.28
C VAL A 125 7.49 12.64 8.88
N LEU A 126 6.66 12.18 7.94
CA LEU A 126 6.70 12.69 6.58
C LEU A 126 6.46 14.19 6.57
N ARG A 127 5.45 14.64 7.28
N ARG A 127 5.41 14.65 7.23
CA ARG A 127 5.02 16.03 7.24
CA ARG A 127 5.06 16.06 7.12
C ARG A 127 6.14 16.92 7.75
C ARG A 127 6.19 16.92 7.69
N ALA A 128 6.82 16.50 8.79
CA ALA A 128 7.90 17.29 9.36
C ALA A 128 9.13 17.31 8.46
N ALA A 129 9.32 16.28 7.62
CA ALA A 129 10.36 16.20 6.61
C ALA A 129 9.98 17.04 5.40
N GLY A 130 8.83 17.70 5.45
CA GLY A 130 8.41 18.55 4.37
C GLY A 130 7.61 17.88 3.28
N VAL A 131 7.28 16.61 3.43
CA VAL A 131 6.50 15.88 2.44
C VAL A 131 5.04 16.33 2.56
N ALA A 132 4.40 16.64 1.42
CA ALA A 132 2.98 16.97 1.41
C ALA A 132 2.19 15.66 1.41
N THR A 133 1.34 15.48 2.41
CA THR A 133 0.64 14.22 2.63
C THR A 133 -0.83 14.38 2.25
N TYR A 134 -1.35 13.34 1.60
CA TYR A 134 -2.68 13.32 1.01
C TYR A 134 -3.42 12.04 1.32
N ALA A 135 -4.74 12.14 1.40
CA ALA A 135 -5.61 10.96 1.48
C ALA A 135 -7.02 11.44 1.12
N SER A 136 -7.93 10.51 0.84
CA SER A 136 -9.28 10.91 0.59
C SER A 136 -9.88 11.52 1.86
N PRO A 137 -10.95 12.33 1.71
CA PRO A 137 -11.66 12.81 2.92
C PRO A 137 -12.14 11.68 3.78
N SER A 138 -12.61 10.60 3.19
N SER A 138 -12.55 10.55 3.20
CA SER A 138 -13.04 9.45 3.97
CA SER A 138 -13.03 9.45 4.02
C SER A 138 -11.89 8.95 4.85
C SER A 138 -11.90 8.85 4.85
N THR A 139 -10.74 8.70 4.25
CA THR A 139 -9.59 8.26 5.00
C THR A 139 -9.21 9.21 6.11
N ARG A 140 -9.21 10.51 5.83
CA ARG A 140 -8.87 11.49 6.86
C ARG A 140 -9.84 11.42 8.03
N ARG A 141 -11.13 11.32 7.75
CA ARG A 141 -12.13 11.20 8.82
C ARG A 141 -11.92 9.96 9.65
N LEU A 142 -11.70 8.83 8.98
CA LEU A 142 -11.54 7.57 9.71
C LEU A 142 -10.26 7.56 10.51
N ALA A 143 -9.18 8.10 9.96
CA ALA A 143 -7.93 8.17 10.70
C ALA A 143 -8.13 9.01 11.96
N GLU A 144 -8.74 10.18 11.81
CA GLU A 144 -9.02 11.01 12.97
C GLU A 144 -9.82 10.27 14.02
N ALA A 145 -10.88 9.58 13.63
CA ALA A 145 -11.71 8.86 14.59
C ALA A 145 -10.97 7.72 15.26
N GLU A 146 -10.00 7.14 14.57
CA GLU A 146 -9.21 6.03 15.10
C GLU A 146 -8.13 6.48 16.06
N GLY A 147 -7.82 7.76 16.04
CA GLY A 147 -6.64 8.27 16.73
C GLY A 147 -5.35 8.01 16.00
N ASN A 148 -5.43 7.80 14.69
CA ASN A 148 -4.23 7.59 13.88
C ASN A 148 -3.79 8.92 13.29
N GLU A 149 -2.59 8.93 12.72
CA GLU A 149 -2.07 10.15 12.11
C GLU A 149 -2.84 10.49 10.84
N ILE A 150 -2.97 11.79 10.58
CA ILE A 150 -3.93 12.28 9.63
C ILE A 150 -3.20 12.98 8.48
N PRO A 151 -3.26 12.50 7.25
CA PRO A 151 -2.70 13.24 6.12
C PRO A 151 -3.27 14.65 6.02
N THR A 152 -2.47 15.57 5.51
CA THR A 152 -2.84 17.00 5.50
C THR A 152 -3.94 17.34 4.52
N HIS A 153 -3.87 16.80 3.31
CA HIS A 153 -4.64 17.30 2.17
C HIS A 153 -5.65 16.25 1.73
N SER A 154 -6.86 16.69 1.43
CA SER A 154 -7.92 15.82 0.94
C SER A 154 -7.82 15.63 -0.57
N LEU A 155 -8.03 14.39 -0.97
CA LEU A 155 -8.13 13.99 -2.38
C LEU A 155 -9.60 13.88 -2.75
N GLU A 156 -10.10 14.90 -3.47
CA GLU A 156 -11.48 14.89 -3.94
C GLU A 156 -11.55 14.07 -5.24
N GLY A 157 -12.77 13.81 -5.67
CA GLY A 157 -12.99 13.10 -6.91
C GLY A 157 -12.90 11.61 -6.83
N LEU A 158 -12.94 11.04 -5.61
CA LEU A 158 -12.77 9.62 -5.38
C LEU A 158 -13.88 9.03 -4.53
N SER A 159 -14.99 9.75 -4.32
CA SER A 159 -15.98 9.31 -3.38
C SER A 159 -16.94 8.26 -3.89
N SER A 160 -17.03 8.01 -5.20
N SER A 160 -17.00 7.99 -5.20
CA SER A 160 -17.94 7.01 -5.73
CA SER A 160 -17.96 7.06 -5.77
C SER A 160 -17.13 5.85 -6.31
C SER A 160 -17.21 5.88 -6.38
N SER A 161 -17.59 4.63 -6.06
N SER A 161 -17.72 4.67 -6.18
CA SER A 161 -16.89 3.50 -6.63
CA SER A 161 -17.07 3.50 -6.71
C SER A 161 -16.77 3.62 -8.14
C SER A 161 -16.81 3.65 -8.21
N GLY A 162 -15.61 3.27 -8.65
CA GLY A 162 -15.25 3.46 -10.03
C GLY A 162 -14.55 4.77 -10.32
N ASP A 163 -14.51 5.70 -9.38
CA ASP A 163 -13.85 6.97 -9.61
C ASP A 163 -12.35 6.80 -9.77
N ALA A 164 -11.78 7.67 -10.60
CA ALA A 164 -10.35 7.69 -10.86
C ALA A 164 -9.90 9.13 -10.99
N VAL A 165 -8.72 9.42 -10.50
CA VAL A 165 -8.07 10.72 -10.65
C VAL A 165 -6.59 10.52 -10.92
N ARG A 166 -5.97 11.49 -11.59
CA ARG A 166 -4.54 11.52 -11.76
C ARG A 166 -3.87 12.19 -10.59
N PHE A 167 -2.71 11.67 -10.23
CA PHE A 167 -1.91 12.24 -9.15
C PHE A 167 -0.45 11.99 -9.54
N GLY A 168 0.22 13.02 -10.08
CA GLY A 168 1.55 12.78 -10.56
C GLY A 168 1.59 11.67 -11.58
N PRO A 169 2.57 10.77 -11.43
CA PRO A 169 2.74 9.65 -12.37
C PRO A 169 1.81 8.47 -12.16
N VAL A 170 0.80 8.59 -11.30
CA VAL A 170 -0.10 7.49 -11.06
C VAL A 170 -1.53 7.90 -11.29
N GLU A 171 -2.39 6.90 -11.38
CA GLU A 171 -3.83 7.04 -11.26
C GLU A 171 -4.28 6.44 -9.94
N LEU A 172 -5.12 7.18 -9.23
CA LEU A 172 -5.76 6.70 -8.01
C LEU A 172 -7.17 6.26 -8.39
N PHE A 173 -7.60 5.13 -7.82
CA PHE A 173 -8.89 4.50 -8.18
C PHE A 173 -9.57 4.07 -6.91
N TYR A 174 -10.85 4.40 -6.77
CA TYR A 174 -11.62 3.95 -5.64
C TYR A 174 -12.50 2.81 -6.11
N PRO A 175 -12.23 1.56 -5.69
CA PRO A 175 -12.96 0.41 -6.23
C PRO A 175 -14.27 0.11 -5.52
N GLY A 176 -14.53 0.77 -4.40
CA GLY A 176 -15.59 0.43 -3.49
C GLY A 176 -15.05 -0.22 -2.23
N ALA A 177 -15.93 -0.44 -1.27
CA ALA A 177 -15.53 -0.99 0.00
C ALA A 177 -14.98 -2.42 -0.15
N ALA A 178 -13.94 -2.71 0.59
CA ALA A 178 -13.30 -4.03 0.49
C ALA A 178 -12.64 -4.34 1.84
N HIS A 179 -11.32 -4.27 1.89
CA HIS A 179 -10.59 -4.38 3.16
C HIS A 179 -11.01 -3.28 4.14
N SER A 180 -11.32 -2.11 3.62
CA SER A 180 -11.89 -1.01 4.41
C SER A 180 -12.83 -0.26 3.47
N THR A 181 -13.67 0.65 4.03
N THR A 181 -13.66 0.63 4.06
CA THR A 181 -14.58 1.37 3.17
CA THR A 181 -14.60 1.38 3.25
C THR A 181 -13.88 2.38 2.30
C THR A 181 -13.92 2.42 2.38
N ASP A 182 -12.72 2.86 2.76
CA ASP A 182 -12.00 3.95 2.13
C ASP A 182 -10.85 3.50 1.24
N ASN A 183 -10.60 2.20 1.07
CA ASN A 183 -9.38 1.77 0.43
C ASN A 183 -9.30 2.24 -1.04
N LEU A 184 -8.13 2.77 -1.38
CA LEU A 184 -7.80 3.20 -2.73
C LEU A 184 -6.78 2.23 -3.35
N VAL A 185 -6.78 2.22 -4.66
N VAL A 185 -6.84 2.05 -4.65
CA VAL A 185 -5.89 1.43 -5.51
CA VAL A 185 -5.76 1.37 -5.36
C VAL A 185 -5.07 2.42 -6.33
C VAL A 185 -5.05 2.39 -6.25
N VAL A 186 -3.84 2.03 -6.66
CA VAL A 186 -2.96 2.91 -7.41
C VAL A 186 -2.44 2.19 -8.63
N TYR A 187 -2.51 2.81 -9.79
CA TYR A 187 -1.98 2.24 -11.02
C TYR A 187 -0.87 3.16 -11.54
N VAL A 188 0.22 2.53 -12.02
CA VAL A 188 1.30 3.27 -12.64
C VAL A 188 1.24 2.99 -14.14
N PRO A 189 0.63 3.86 -14.94
CA PRO A 189 0.40 3.51 -16.36
C PRO A 189 1.67 3.26 -17.12
N SER A 190 2.76 3.96 -16.81
CA SER A 190 3.97 3.80 -17.61
C SER A 190 4.52 2.39 -17.53
N ALA A 191 4.23 1.70 -16.45
CA ALA A 191 4.79 0.40 -16.15
C ALA A 191 3.76 -0.70 -16.02
N ASN A 192 2.47 -0.40 -16.17
CA ASN A 192 1.39 -1.34 -15.96
C ASN A 192 1.50 -2.04 -14.61
N VAL A 193 1.84 -1.27 -13.57
CA VAL A 193 1.91 -1.75 -12.20
C VAL A 193 0.64 -1.38 -11.47
N LEU A 194 -0.01 -2.38 -10.91
CA LEU A 194 -1.20 -2.19 -10.11
C LEU A 194 -0.86 -2.44 -8.63
N TYR A 195 -0.90 -1.39 -7.84
CA TYR A 195 -0.72 -1.47 -6.40
C TYR A 195 -2.11 -1.56 -5.78
N GLY A 196 -2.44 -2.76 -5.30
CA GLY A 196 -3.76 -3.00 -4.77
C GLY A 196 -3.95 -2.53 -3.35
N GLY A 197 -2.86 -2.29 -2.63
CA GLY A 197 -2.96 -2.03 -1.21
C GLY A 197 -3.70 -3.18 -0.54
N CYS A 198 -4.31 -2.88 0.61
CA CYS A 198 -4.81 -3.96 1.46
C CYS A 198 -6.09 -4.61 0.97
N ALA A 199 -6.68 -4.05 -0.08
CA ALA A 199 -7.78 -4.68 -0.78
C ALA A 199 -7.34 -5.90 -1.59
N VAL A 200 -6.04 -6.13 -1.76
CA VAL A 200 -5.51 -7.22 -2.54
C VAL A 200 -4.54 -8.03 -1.67
N HIS A 201 -4.74 -9.34 -1.66
CA HIS A 201 -3.92 -10.30 -0.92
C HIS A 201 -2.92 -11.01 -1.83
N GLU A 202 -1.84 -11.45 -1.20
CA GLU A 202 -0.83 -12.22 -1.89
C GLU A 202 -1.34 -13.65 -2.15
N LEU A 203 -0.73 -14.34 -3.12
CA LEU A 203 -1.18 -15.70 -3.48
C LEU A 203 -1.06 -16.73 -2.35
N SER A 204 -0.07 -16.62 -1.49
CA SER A 204 0.07 -17.61 -0.44
C SER A 204 -0.92 -17.42 0.67
N SER A 205 -1.66 -16.33 0.70
N SER A 205 -1.66 -16.33 0.68
CA SER A 205 -2.54 -16.09 1.82
CA SER A 205 -2.55 -16.11 1.80
C SER A 205 -3.64 -17.13 1.86
C SER A 205 -3.61 -17.20 1.86
N THR A 206 -3.91 -17.62 3.07
CA THR A 206 -4.95 -18.60 3.34
C THR A 206 -6.02 -17.99 4.19
N SER A 207 -5.93 -16.70 4.44
CA SER A 207 -6.96 -16.02 5.15
C SER A 207 -7.04 -14.63 4.55
N ALA A 208 -8.00 -13.91 5.05
CA ALA A 208 -8.33 -12.60 4.57
C ALA A 208 -7.70 -11.51 5.41
N GLY A 209 -6.69 -11.82 6.24
CA GLY A 209 -5.96 -10.79 6.93
C GLY A 209 -6.79 -10.16 8.04
N ASN A 210 -6.55 -8.88 8.29
CA ASN A 210 -7.24 -8.17 9.36
C ASN A 210 -8.50 -7.55 8.76
N VAL A 211 -9.65 -8.20 9.02
CA VAL A 211 -10.93 -7.83 8.42
C VAL A 211 -11.78 -6.97 9.34
N ALA A 212 -11.20 -6.40 10.40
CA ALA A 212 -12.02 -5.73 11.41
C ALA A 212 -12.87 -4.63 10.78
N ASP A 213 -12.34 -3.94 9.76
CA ASP A 213 -13.04 -2.81 9.16
C ASP A 213 -13.49 -3.10 7.74
N ALA A 214 -13.52 -4.37 7.38
CA ALA A 214 -13.81 -4.78 6.02
C ALA A 214 -15.31 -4.85 5.77
N ASP A 215 -15.66 -4.88 4.48
CA ASP A 215 -16.99 -5.21 4.01
C ASP A 215 -16.84 -6.50 3.17
N LEU A 216 -16.99 -7.67 3.81
CA LEU A 216 -16.71 -8.92 3.10
C LEU A 216 -17.71 -9.17 1.98
N ALA A 217 -18.94 -8.66 2.14
CA ALA A 217 -19.96 -8.84 1.11
C ALA A 217 -19.67 -8.00 -0.12
N GLU A 218 -19.15 -6.77 0.04
CA GLU A 218 -18.86 -5.91 -1.12
C GLU A 218 -17.49 -6.18 -1.72
N TRP A 219 -16.57 -6.75 -0.94
CA TRP A 219 -15.18 -6.90 -1.38
C TRP A 219 -15.06 -7.60 -2.73
N PRO A 220 -15.76 -8.73 -3.01
N PRO A 220 -15.75 -8.71 -3.00
CA PRO A 220 -15.62 -9.33 -4.35
CA PRO A 220 -15.57 -9.32 -4.34
C PRO A 220 -16.04 -8.39 -5.45
C PRO A 220 -16.07 -8.43 -5.47
N THR A 221 -17.11 -7.63 -5.23
CA THR A 221 -17.58 -6.69 -6.25
C THR A 221 -16.54 -5.61 -6.50
N SER A 222 -15.91 -5.12 -5.44
CA SER A 222 -14.83 -4.15 -5.56
C SER A 222 -13.64 -4.71 -6.32
N VAL A 223 -13.29 -5.97 -6.04
CA VAL A 223 -12.22 -6.61 -6.82
C VAL A 223 -12.59 -6.73 -8.28
N GLU A 224 -13.83 -7.11 -8.58
N GLU A 224 -13.84 -7.09 -8.57
CA GLU A 224 -14.26 -7.17 -9.96
CA GLU A 224 -14.27 -7.18 -9.96
C GLU A 224 -14.08 -5.82 -10.64
C GLU A 224 -14.13 -5.83 -10.65
N ARG A 225 -14.39 -4.73 -9.95
CA ARG A 225 -14.19 -3.41 -10.54
C ARG A 225 -12.72 -3.17 -10.88
N ILE A 226 -11.83 -3.60 -10.00
CA ILE A 226 -10.40 -3.47 -10.26
C ILE A 226 -10.00 -4.26 -11.49
N GLN A 227 -10.46 -5.51 -11.55
CA GLN A 227 -10.14 -6.39 -12.68
C GLN A 227 -10.62 -5.77 -14.00
N LYS A 228 -11.83 -5.22 -14.00
CA LYS A 228 -12.36 -4.64 -15.22
C LYS A 228 -11.61 -3.39 -15.63
N HIS A 229 -11.21 -2.59 -14.66
CA HIS A 229 -10.57 -1.31 -14.96
C HIS A 229 -9.11 -1.45 -15.38
N TYR A 230 -8.40 -2.48 -14.92
CA TYR A 230 -6.96 -2.63 -15.18
C TYR A 230 -6.62 -3.99 -15.78
N PRO A 231 -7.17 -4.29 -16.96
CA PRO A 231 -6.95 -5.62 -17.54
C PRO A 231 -5.55 -5.81 -18.08
N GLU A 232 -4.77 -4.74 -18.24
N GLU A 232 -4.78 -4.74 -18.27
CA GLU A 232 -3.42 -4.80 -18.76
CA GLU A 232 -3.40 -4.82 -18.77
C GLU A 232 -2.36 -4.80 -17.67
C GLU A 232 -2.36 -4.81 -17.66
N ALA A 233 -2.75 -4.84 -16.40
CA ALA A 233 -1.77 -4.85 -15.34
C ALA A 233 -0.82 -6.03 -15.48
N GLU A 234 0.47 -5.77 -15.35
CA GLU A 234 1.48 -6.82 -15.44
C GLU A 234 2.03 -7.27 -14.11
N VAL A 235 2.08 -6.39 -13.15
CA VAL A 235 2.48 -6.68 -11.78
C VAL A 235 1.36 -6.18 -10.88
N VAL A 236 1.00 -7.01 -9.92
CA VAL A 236 0.00 -6.66 -8.90
C VAL A 236 0.68 -6.78 -7.54
N ILE A 237 0.63 -5.71 -6.77
CA ILE A 237 1.30 -5.64 -5.46
C ILE A 237 0.24 -5.61 -4.37
N PRO A 238 0.26 -6.57 -3.46
CA PRO A 238 -0.69 -6.57 -2.33
C PRO A 238 -0.23 -5.62 -1.21
N GLY A 239 -1.12 -5.33 -0.28
CA GLY A 239 -0.75 -4.51 0.86
C GLY A 239 0.25 -5.19 1.77
N HIS A 240 0.22 -6.51 1.80
CA HIS A 240 1.09 -7.33 2.62
C HIS A 240 1.51 -8.53 1.81
N GLY A 241 2.81 -8.78 1.70
CA GLY A 241 3.30 -9.99 1.03
C GLY A 241 3.81 -9.77 -0.38
N LEU A 242 3.91 -10.89 -1.10
N LEU A 242 3.88 -10.88 -1.11
CA LEU A 242 4.68 -10.95 -2.36
CA LEU A 242 4.63 -10.90 -2.36
C LEU A 242 3.87 -10.47 -3.56
C LEU A 242 3.80 -10.34 -3.51
N PRO A 243 4.44 -9.57 -4.40
CA PRO A 243 3.80 -9.24 -5.67
C PRO A 243 3.68 -10.47 -6.56
N GLY A 244 2.77 -10.35 -7.51
CA GLY A 244 2.61 -11.36 -8.54
C GLY A 244 1.90 -10.74 -9.72
N GLY A 245 1.12 -11.54 -10.43
CA GLY A 245 0.37 -11.06 -11.56
C GLY A 245 -1.10 -10.91 -11.25
N LEU A 246 -1.91 -10.86 -12.31
CA LEU A 246 -3.33 -10.64 -12.16
C LEU A 246 -4.03 -11.71 -11.30
N ASP A 247 -3.44 -12.89 -11.15
CA ASP A 247 -4.06 -13.96 -10.34
C ASP A 247 -4.32 -13.48 -8.89
N LEU A 248 -3.55 -12.51 -8.39
CA LEU A 248 -3.79 -12.04 -7.04
C LEU A 248 -5.21 -11.51 -6.89
N LEU A 249 -5.78 -10.92 -7.92
CA LEU A 249 -7.11 -10.36 -7.79
C LEU A 249 -8.16 -11.45 -7.55
N GLN A 250 -8.22 -12.46 -8.43
CA GLN A 250 -9.17 -13.55 -8.20
C GLN A 250 -8.89 -14.28 -6.89
N HIS A 251 -7.62 -14.50 -6.57
CA HIS A 251 -7.29 -15.15 -5.32
C HIS A 251 -7.87 -14.40 -4.14
N THR A 252 -7.75 -13.07 -4.17
CA THR A 252 -8.29 -12.25 -3.10
C THR A 252 -9.80 -12.49 -2.97
N ALA A 253 -10.53 -12.41 -4.06
CA ALA A 253 -11.97 -12.68 -4.00
C ALA A 253 -12.23 -14.05 -3.38
N ASN A 254 -11.43 -15.03 -3.76
CA ASN A 254 -11.60 -16.39 -3.26
C ASN A 254 -11.38 -16.47 -1.77
N VAL A 255 -10.31 -15.87 -1.27
CA VAL A 255 -10.06 -15.99 0.17
C VAL A 255 -11.07 -15.20 0.98
N VAL A 256 -11.61 -14.11 0.44
CA VAL A 256 -12.59 -13.32 1.17
C VAL A 256 -13.89 -14.11 1.23
N LYS A 257 -14.27 -14.73 0.11
N LYS A 257 -14.29 -14.74 0.14
CA LYS A 257 -15.50 -15.50 0.05
CA LYS A 257 -15.55 -15.48 0.17
C LYS A 257 -15.44 -16.65 1.05
C LYS A 257 -15.45 -16.68 1.08
N ALA A 258 -14.26 -17.28 1.20
CA ALA A 258 -14.07 -18.41 2.12
C ALA A 258 -14.02 -17.98 3.57
N HIS A 259 -13.64 -16.75 3.82
CA HIS A 259 -13.74 -16.22 5.16
C HIS A 259 -15.18 -15.92 5.50
N LYS A 260 -15.85 -15.13 4.65
CA LYS A 260 -17.25 -14.80 4.89
C LYS A 260 -18.07 -16.07 5.15
N ASN A 261 -17.94 -17.09 4.30
CA ASN A 261 -18.61 -18.36 4.51
C ASN A 261 -18.23 -18.92 5.89
ZN ZN B . -5.89 -1.97 6.70
ZN ZN C . -3.05 -3.73 5.62
C17 XB0 D . -3.26 -11.69 4.84
C13 XB0 D . -2.14 -8.84 7.13
C14 XB0 D . -0.72 -8.74 7.66
C15 XB0 D . -2.47 -10.21 6.58
C16 XB0 D . -2.91 -10.39 5.28
C19 XB0 D . -2.70 -12.63 6.95
C20 XB0 D . -2.38 -11.36 7.38
C21 XB0 D . -2.91 -6.68 9.75
C22 XB0 D . -2.34 -7.19 10.93
C23 XB0 D . -2.21 -6.32 11.99
C24 XB0 D . -2.58 -4.98 11.88
C11 XB0 D . -3.26 -7.27 8.51
C18 XB0 D . -3.15 -12.78 5.68
C01 XB0 D . -5.02 -2.84 11.14
C02 XB0 D . -3.56 -2.96 10.63
C03 XB0 D . -2.59 -2.01 11.27
C04 XB0 D . -3.13 -4.44 10.74
C05 XB0 D . -3.26 -5.33 9.65
C07 XB0 D . -3.80 -6.27 7.71
C08 XB0 D . -4.39 -6.37 6.34
N06 XB0 D . -3.79 -5.12 8.40
O09 XB0 D . -4.40 -5.35 5.63
O10 XB0 D . -4.94 -7.45 6.04
O12 XB0 D . -3.10 -8.59 8.17
H171 XB0 D . -3.61 -11.83 3.83
H131 XB0 D . -2.19 -8.11 6.34
H142 XB0 D . -0.70 -9.01 8.70
H143 XB0 D . -0.38 -7.71 7.55
H141 XB0 D . -0.07 -9.39 7.10
H161 XB0 D . -3.01 -9.54 4.62
H191 XB0 D . -2.59 -13.48 7.61
H201 XB0 D . -2.04 -11.23 8.40
H221 XB0 D . -2.02 -8.22 11.00
H231 XB0 D . -1.80 -6.68 12.93
H241 XB0 D . -2.45 -4.34 12.74
H181 XB0 D . -3.43 -13.76 5.33
H013 XB0 D . -5.36 -3.81 11.48
H012 XB0 D . -5.65 -2.50 10.32
H011 XB0 D . -5.07 -2.12 11.95
H021 XB0 D . -3.56 -2.65 9.59
H033 XB0 D . -2.63 -2.10 12.35
H031 XB0 D . -2.84 -0.98 10.99
H032 XB0 D . -1.58 -2.23 10.92
H061 XB0 D . -4.14 -4.24 8.06
#